data_5QPH
#
_entry.id   5QPH
#
_cell.length_a   57.846
_cell.length_b   57.846
_cell.length_c   396.784
_cell.angle_alpha   90.000
_cell.angle_beta   90.000
_cell.angle_gamma   120.000
#
_symmetry.space_group_name_H-M   'P 61 2 2'
#
loop_
_entity.id
_entity.type
_entity.pdbx_description
1 polymer 'Farnesyl diphosphate synthase'
2 non-polymer 'SULFATE ION'
3 non-polymer 'ACETATE ION'
4 non-polymer 'ZINC ION'
5 non-polymer 4-(4-ethylcyclohexyl)morpholine
6 water water
#
_entity_poly.entity_id   1
_entity_poly.type   'polypeptide(L)'
_entity_poly.pdbx_seq_one_letter_code
;GPMASMERFLSVYDEVQAFLLDQLQSKYEIDPNRARYLRIMMDTTCLGGKYFRGMTVVNVAEGFLAVTQHDEATKERILH
DACVGGWMIEFLQAHYLVEDDIMDGSVMRRGKPCWYRFPGVTTQCAINDGIILKSWTQIMAWHYFADRPFLKDLLCLFQK
VDYATAVGQMYDVTSMCDSNKLDPEVAQPMTTDFAEFTPAIYKRIVKYKTTFYTYLLPLVMGLLVSEAAASVEMNLVERV
AHLIGEYFQVQDDVMDCFTPPEQLGKVGTDIEDAKCSWLAVTFLGKANAAQVAEFKANYGEKDPAKVAVVKRLYSKANLQ
ADFAAYEAEVVREVESLIEQLKVKSPTFAESVAVVWEKTHKRKK
;
_entity_poly.pdbx_strand_id   A
#
loop_
_chem_comp.id
_chem_comp.type
_chem_comp.name
_chem_comp.formula
ACT non-polymer 'ACETATE ION' 'C2 H3 O2 -1'
LUS non-polymer 4-(4-ethylcyclohexyl)morpholine 'C12 H23 N O'
SO4 non-polymer 'SULFATE ION' 'O4 S -2'
ZN non-polymer 'ZINC ION' 'Zn 2'
#
# COMPACT_ATOMS: atom_id res chain seq x y z
N MET A 3 12.63 24.84 -5.47
CA MET A 3 12.26 23.67 -6.35
C MET A 3 10.96 22.95 -5.91
N ALA A 4 9.95 22.79 -6.81
CA ALA A 4 8.76 22.02 -6.51
C ALA A 4 9.15 20.58 -6.14
N SER A 5 8.34 20.06 -5.26
CA SER A 5 8.58 18.85 -4.53
C SER A 5 8.53 17.71 -5.46
N MET A 6 7.49 17.64 -6.33
CA MET A 6 7.45 16.53 -7.35
C MET A 6 8.67 16.49 -8.27
N GLU A 7 9.13 17.67 -8.71
CA GLU A 7 10.29 17.78 -9.63
C GLU A 7 11.51 17.24 -8.93
N ARG A 8 11.63 17.56 -7.64
CA ARG A 8 12.73 17.11 -6.82
C ARG A 8 12.69 15.56 -6.67
N PHE A 9 11.55 15.06 -6.25
CA PHE A 9 11.32 13.61 -6.05
C PHE A 9 11.64 12.82 -7.33
N LEU A 10 11.17 13.32 -8.45
CA LEU A 10 11.48 12.62 -9.77
C LEU A 10 12.93 12.72 -10.20
N SER A 11 13.54 13.89 -10.03
CA SER A 11 14.97 13.97 -10.17
C SER A 11 15.78 13.00 -9.38
N VAL A 12 15.41 12.79 -8.12
CA VAL A 12 16.16 11.89 -7.24
C VAL A 12 15.99 10.46 -7.76
N TYR A 13 14.85 10.14 -8.36
CA TYR A 13 14.76 8.81 -8.94
C TYR A 13 15.87 8.58 -10.00
N ASP A 14 16.04 9.55 -10.92
CA ASP A 14 17.06 9.42 -11.97
C ASP A 14 18.41 9.26 -11.36
N GLU A 15 18.69 10.02 -10.26
CA GLU A 15 19.96 9.90 -9.58
C GLU A 15 20.11 8.50 -8.93
N VAL A 16 19.08 8.06 -8.25
CA VAL A 16 19.20 6.73 -7.57
C VAL A 16 19.32 5.64 -8.60
N GLN A 17 18.54 5.71 -9.65
CA GLN A 17 18.64 4.71 -10.76
C GLN A 17 20.08 4.61 -11.28
N ALA A 18 20.66 5.79 -11.56
CA ALA A 18 22.02 5.86 -12.09
C ALA A 18 22.99 5.28 -11.11
N PHE A 19 22.78 5.55 -9.81
CA PHE A 19 23.63 4.95 -8.80
C PHE A 19 23.57 3.43 -8.79
N LEU A 20 22.32 2.93 -8.75
CA LEU A 20 22.14 1.49 -8.68
C LEU A 20 22.77 0.77 -9.85
N LEU A 21 22.48 1.26 -11.06
CA LEU A 21 22.98 0.67 -12.31
C LEU A 21 24.48 0.79 -12.45
N ASP A 22 24.99 1.97 -12.11
CA ASP A 22 26.47 2.18 -12.06
C ASP A 22 27.22 1.19 -11.08
N GLN A 23 26.66 0.94 -9.91
CA GLN A 23 27.19 0.02 -8.93
C GLN A 23 27.09 -1.39 -9.47
N LEU A 24 26.02 -1.74 -10.19
CA LEU A 24 25.97 -3.11 -10.83
C LEU A 24 27.14 -3.35 -11.79
N GLN A 25 27.45 -2.34 -12.59
CA GLN A 25 28.58 -2.43 -13.51
C GLN A 25 29.93 -2.38 -12.77
N SER A 26 30.12 -1.44 -11.87
CA SER A 26 31.44 -1.36 -11.22
C SER A 26 31.66 -2.41 -10.20
N LYS A 27 30.60 -2.93 -9.56
CA LYS A 27 30.82 -3.87 -8.47
C LYS A 27 30.17 -5.24 -8.59
N TYR A 28 29.26 -5.44 -9.54
CA TYR A 28 28.55 -6.75 -9.69
C TYR A 28 28.78 -7.36 -11.05
N GLU A 29 29.78 -6.82 -11.78
CA GLU A 29 30.19 -7.40 -13.04
C GLU A 29 29.10 -7.46 -14.11
N ILE A 30 28.19 -6.49 -14.13
CA ILE A 30 27.02 -6.59 -15.04
C ILE A 30 27.41 -6.08 -16.35
N ASP A 31 26.64 -6.51 -17.35
CA ASP A 31 26.90 -6.19 -18.72
C ASP A 31 25.83 -5.25 -19.15
N PRO A 32 26.06 -4.52 -20.23
CA PRO A 32 25.13 -3.48 -20.62
C PRO A 32 23.69 -3.94 -20.91
N ASN A 33 23.47 -5.14 -21.43
CA ASN A 33 22.15 -5.52 -21.80
C ASN A 33 21.33 -5.94 -20.58
N ARG A 34 22.01 -6.52 -19.61
CA ARG A 34 21.33 -6.86 -18.31
C ARG A 34 21.08 -5.62 -17.55
N ALA A 35 21.98 -4.63 -17.66
CA ALA A 35 21.71 -3.32 -17.02
C ALA A 35 20.50 -2.65 -17.61
N ARG A 36 20.39 -2.72 -18.93
CA ARG A 36 19.23 -2.18 -19.61
C ARG A 36 17.94 -2.93 -19.21
N TYR A 37 17.98 -4.27 -19.15
CA TYR A 37 16.81 -4.99 -18.72
C TYR A 37 16.36 -4.48 -17.31
N LEU A 38 17.26 -4.42 -16.34
CA LEU A 38 16.94 -3.91 -14.98
C LEU A 38 16.49 -2.47 -14.92
N ARG A 39 16.98 -1.60 -15.84
CA ARG A 39 16.52 -0.20 -15.92
C ARG A 39 15.10 -0.15 -16.41
N ILE A 40 14.81 -0.99 -17.44
CA ILE A 40 13.46 -1.13 -17.91
C ILE A 40 12.55 -1.69 -16.81
N MET A 41 13.02 -2.71 -16.10
CA MET A 41 12.25 -3.27 -15.02
C MET A 41 11.87 -2.26 -13.94
N MET A 42 12.90 -1.56 -13.48
CA MET A 42 12.75 -0.47 -12.56
C MET A 42 11.75 0.59 -12.98
N ASP A 43 11.86 1.09 -14.20
CA ASP A 43 10.91 2.06 -14.71
C ASP A 43 9.50 1.55 -14.80
N THR A 44 9.34 0.30 -15.24
CA THR A 44 8.01 -0.21 -15.46
C THR A 44 7.33 -0.57 -14.15
N THR A 45 8.06 -0.98 -13.17
CA THR A 45 7.43 -1.42 -11.91
C THR A 45 7.34 -0.26 -10.92
N CYS A 46 8.16 0.80 -11.07
CA CYS A 46 8.19 1.86 -10.06
C CYS A 46 7.60 3.21 -10.43
N LEU A 47 7.49 3.51 -11.72
CA LEU A 47 6.95 4.75 -12.16
C LEU A 47 5.55 4.53 -12.69
N GLY A 48 4.73 5.53 -12.63
CA GLY A 48 3.42 5.47 -13.25
C GLY A 48 2.30 5.79 -12.31
N GLY A 49 2.53 5.67 -10.99
CA GLY A 49 1.50 5.98 -10.03
C GLY A 49 1.49 7.46 -9.65
N LYS A 50 0.78 7.81 -8.59
CA LYS A 50 0.75 9.21 -8.19
C LYS A 50 1.93 9.54 -7.23
N TYR A 51 2.66 8.52 -6.72
CA TYR A 51 3.76 8.73 -5.80
C TYR A 51 3.21 9.28 -4.50
N PHE A 52 1.99 8.93 -4.19
CA PHE A 52 1.45 9.33 -2.90
C PHE A 52 2.38 8.97 -1.70
N ARG A 53 2.87 7.75 -1.69
CA ARG A 53 3.53 7.23 -0.52
C ARG A 53 4.91 7.92 -0.37
N GLY A 54 5.67 8.00 -1.46
CA GLY A 54 6.97 8.66 -1.42
C GLY A 54 6.83 10.15 -1.20
N MET A 55 5.87 10.76 -1.88
CA MET A 55 5.62 12.17 -1.71
C MET A 55 5.22 12.55 -0.29
N THR A 56 4.51 11.68 0.47
CA THR A 56 4.18 11.98 1.84
C THR A 56 5.46 12.20 2.69
N VAL A 57 6.49 11.43 2.41
CA VAL A 57 7.73 11.54 3.17
C VAL A 57 8.28 12.93 2.95
N VAL A 58 8.28 13.35 1.70
CA VAL A 58 8.69 14.71 1.34
C VAL A 58 7.84 15.82 1.90
N ASN A 59 6.55 15.66 1.77
CA ASN A 59 5.65 16.60 2.35
C ASN A 59 5.81 16.72 3.88
N VAL A 60 6.02 15.64 4.61
CA VAL A 60 6.16 15.75 6.06
C VAL A 60 7.44 16.57 6.34
N ALA A 61 8.52 16.20 5.64
CA ALA A 61 9.80 16.88 5.85
C ALA A 61 9.73 18.37 5.48
N GLU A 62 9.04 18.70 4.38
CA GLU A 62 8.88 20.13 4.01
C GLU A 62 8.12 20.88 5.09
N GLY A 63 7.15 20.23 5.75
CA GLY A 63 6.44 20.90 6.84
C GLY A 63 7.35 21.27 8.03
N PHE A 64 8.24 20.37 8.46
CA PHE A 64 9.19 20.68 9.53
C PHE A 64 10.21 21.73 9.07
N LEU A 65 10.54 21.76 7.79
CA LEU A 65 11.53 22.71 7.30
C LEU A 65 11.01 24.14 7.46
N ALA A 66 9.70 24.31 7.36
CA ALA A 66 9.12 25.67 7.53
C ALA A 66 9.19 26.18 8.94
N VAL A 67 9.32 25.30 9.93
CA VAL A 67 9.24 25.72 11.35
C VAL A 67 10.52 25.48 12.13
N THR A 68 11.60 25.12 11.42
CA THR A 68 12.87 24.69 12.05
C THR A 68 14.05 25.41 11.43
N GLN A 69 14.98 25.84 12.29
CA GLN A 69 16.09 26.62 11.78
C GLN A 69 17.14 25.65 11.27
N HIS A 70 17.67 25.94 10.06
CA HIS A 70 18.67 25.10 9.45
C HIS A 70 19.42 25.92 8.41
N ASP A 71 20.68 25.56 8.15
CA ASP A 71 21.41 26.08 6.98
C ASP A 71 20.71 25.63 5.73
N GLU A 72 20.83 26.40 4.67
CA GLU A 72 20.46 25.96 3.34
C GLU A 72 20.97 24.56 2.94
N ALA A 73 22.25 24.28 3.13
CA ALA A 73 22.80 23.00 2.80
C ALA A 73 22.10 21.84 3.54
N THR A 74 21.62 22.11 4.75
CA THR A 74 20.92 21.08 5.59
C THR A 74 19.49 20.91 5.12
N LYS A 75 18.81 21.99 4.82
CA LYS A 75 17.51 21.87 4.19
C LYS A 75 17.59 20.96 2.93
N GLU A 76 18.53 21.22 2.04
CA GLU A 76 18.72 20.41 0.86
C GLU A 76 18.99 18.96 1.17
N ARG A 77 19.88 18.69 2.13
CA ARG A 77 20.17 17.35 2.56
C ARG A 77 18.89 16.66 3.12
N ILE A 78 18.11 17.37 3.97
CA ILE A 78 16.90 16.77 4.54
C ILE A 78 15.90 16.42 3.40
N LEU A 79 15.68 17.36 2.46
CA LEU A 79 14.82 17.09 1.30
C LEU A 79 15.32 15.92 0.43
N HIS A 80 16.62 15.87 0.22
CA HIS A 80 17.24 14.76 -0.52
C HIS A 80 17.04 13.43 0.23
N ASP A 81 17.22 13.45 1.53
CA ASP A 81 16.95 12.25 2.35
C ASP A 81 15.46 11.84 2.31
N ALA A 82 14.56 12.78 2.32
CA ALA A 82 13.18 12.47 2.24
C ALA A 82 12.82 11.83 0.88
N CYS A 83 13.39 12.37 -0.19
CA CYS A 83 13.24 11.75 -1.54
C CYS A 83 13.75 10.35 -1.60
N VAL A 84 14.94 10.10 -1.04
CA VAL A 84 15.47 8.78 -1.12
C VAL A 84 14.55 7.84 -0.31
N GLY A 85 14.16 8.29 0.86
CA GLY A 85 13.32 7.45 1.71
C GLY A 85 11.98 7.20 1.06
N GLY A 86 11.41 8.22 0.44
CA GLY A 86 10.19 8.05 -0.30
C GLY A 86 10.29 7.00 -1.44
N TRP A 87 11.40 7.07 -2.18
CA TRP A 87 11.71 6.05 -3.12
C TRP A 87 11.94 4.65 -2.52
N MET A 88 12.51 4.54 -1.36
CA MET A 88 12.53 3.24 -0.73
C MET A 88 11.08 2.74 -0.57
N ILE A 89 10.14 3.58 -0.16
CA ILE A 89 8.76 3.04 0.05
C ILE A 89 8.13 2.69 -1.33
N GLU A 90 8.37 3.48 -2.33
CA GLU A 90 7.88 3.20 -3.70
C GLU A 90 8.42 1.90 -4.26
N PHE A 91 9.68 1.65 -4.02
CA PHE A 91 10.27 0.41 -4.49
C PHE A 91 9.78 -0.77 -3.66
N LEU A 92 9.53 -0.52 -2.38
CA LEU A 92 8.91 -1.56 -1.54
C LEU A 92 7.57 -1.90 -2.06
N GLN A 93 6.80 -0.87 -2.43
CA GLN A 93 5.51 -1.11 -3.04
C GLN A 93 5.70 -1.91 -4.29
N ALA A 94 6.66 -1.50 -5.12
CA ALA A 94 6.85 -2.19 -6.37
C ALA A 94 7.15 -3.70 -6.30
N HIS A 95 7.93 -4.00 -5.31
CA HIS A 95 8.25 -5.35 -4.98
C HIS A 95 6.95 -6.12 -4.73
N TYR A 96 6.11 -5.56 -3.86
CA TYR A 96 4.84 -6.19 -3.52
C TYR A 96 3.87 -6.29 -4.67
N LEU A 97 3.78 -5.24 -5.47
CA LEU A 97 2.90 -5.29 -6.66
C LEU A 97 3.29 -6.37 -7.64
N VAL A 98 4.58 -6.47 -7.94
CA VAL A 98 5.09 -7.49 -8.85
C VAL A 98 4.77 -8.94 -8.34
N GLU A 99 5.07 -9.22 -7.09
CA GLU A 99 4.91 -10.52 -6.55
C GLU A 99 3.40 -10.89 -6.36
N ASP A 100 2.61 -9.93 -5.89
CA ASP A 100 1.14 -10.08 -5.76
C ASP A 100 0.45 -10.38 -7.08
N ASP A 101 0.82 -9.65 -8.13
CA ASP A 101 0.25 -9.83 -9.46
C ASP A 101 0.57 -11.27 -9.90
N ILE A 102 1.79 -11.79 -9.62
CA ILE A 102 2.14 -13.19 -9.95
C ILE A 102 1.32 -14.14 -9.13
N MET A 103 1.31 -13.92 -7.82
CA MET A 103 0.51 -14.72 -6.91
C MET A 103 -0.97 -14.88 -7.29
N ASP A 104 -1.58 -13.81 -7.77
CA ASP A 104 -3.02 -13.71 -7.92
C ASP A 104 -3.43 -14.00 -9.38
N GLY A 105 -2.50 -14.22 -10.28
CA GLY A 105 -2.79 -14.33 -11.73
C GLY A 105 -3.32 -13.10 -12.35
N SER A 106 -2.89 -11.94 -11.89
CA SER A 106 -3.43 -10.68 -12.38
C SER A 106 -3.01 -10.47 -13.82
N VAL A 107 -3.82 -9.72 -14.53
CA VAL A 107 -3.63 -9.45 -15.95
C VAL A 107 -3.11 -8.08 -16.15
N MET A 108 -3.77 -7.09 -15.55
CA MET A 108 -3.47 -5.69 -15.80
C MET A 108 -3.28 -5.05 -14.42
N ARG A 109 -2.46 -4.03 -14.37
CA ARG A 109 -2.60 -2.97 -13.35
C ARG A 109 -2.19 -1.60 -13.92
N ARG A 110 -2.93 -0.54 -13.54
CA ARG A 110 -2.80 0.83 -14.14
C ARG A 110 -3.02 0.82 -15.68
N GLY A 111 -4.01 0.05 -16.14
CA GLY A 111 -4.27 -0.18 -17.57
C GLY A 111 -3.12 -0.76 -18.41
N LYS A 112 -2.11 -1.37 -17.78
CA LYS A 112 -0.98 -1.96 -18.54
C LYS A 112 -0.75 -3.38 -18.01
N PRO A 113 -0.16 -4.26 -18.84
CA PRO A 113 0.03 -5.63 -18.40
C PRO A 113 0.90 -5.70 -17.17
N CYS A 114 0.62 -6.67 -16.31
CA CYS A 114 1.48 -7.00 -15.18
C CYS A 114 2.89 -7.35 -15.70
N TRP A 115 3.93 -6.97 -14.93
CA TRP A 115 5.29 -7.15 -15.30
C TRP A 115 5.54 -8.59 -15.76
N TYR A 116 5.08 -9.57 -15.00
CA TYR A 116 5.39 -10.96 -15.34
C TYR A 116 4.84 -11.36 -16.72
N ARG A 117 3.82 -10.66 -17.17
CA ARG A 117 3.16 -10.95 -18.47
C ARG A 117 3.86 -10.33 -19.65
N PHE A 118 4.87 -9.50 -19.41
CA PHE A 118 5.65 -8.95 -20.50
C PHE A 118 6.37 -10.11 -21.28
N PRO A 119 6.39 -10.02 -22.62
CA PRO A 119 6.85 -11.26 -23.33
C PRO A 119 8.30 -11.77 -22.96
N GLY A 120 9.24 -10.84 -22.77
CA GLY A 120 10.64 -11.19 -22.44
C GLY A 120 10.92 -11.20 -20.95
N VAL A 121 9.87 -11.26 -20.14
CA VAL A 121 10.06 -11.35 -18.64
C VAL A 121 9.76 -12.79 -18.23
N THR A 122 8.50 -13.12 -18.13
CA THR A 122 8.04 -14.38 -17.65
C THR A 122 8.14 -14.47 -16.13
N THR A 123 7.38 -15.40 -15.59
CA THR A 123 7.28 -15.57 -14.14
C THR A 123 8.63 -15.96 -13.62
N GLN A 124 9.37 -16.80 -14.36
CA GLN A 124 10.68 -17.26 -13.90
C GLN A 124 11.58 -16.06 -13.53
N CYS A 125 11.53 -15.01 -14.30
CA CYS A 125 12.33 -13.82 -14.07
C CYS A 125 11.63 -12.83 -13.17
N ALA A 126 10.32 -12.59 -13.38
CA ALA A 126 9.59 -11.63 -12.59
C ALA A 126 9.61 -11.87 -11.09
N ILE A 127 9.62 -13.14 -10.63
CA ILE A 127 9.74 -13.40 -9.15
C ILE A 127 11.02 -12.82 -8.58
N ASN A 128 12.12 -13.08 -9.30
CA ASN A 128 13.43 -12.57 -8.91
C ASN A 128 13.56 -11.06 -9.15
N ASP A 129 13.02 -10.52 -10.26
CA ASP A 129 12.91 -9.10 -10.42
C ASP A 129 12.29 -8.45 -9.16
N GLY A 130 11.22 -9.04 -8.68
CA GLY A 130 10.61 -8.53 -7.47
C GLY A 130 11.52 -8.56 -6.24
N ILE A 131 12.28 -9.64 -6.07
CA ILE A 131 13.26 -9.75 -4.99
C ILE A 131 14.25 -8.55 -5.12
N ILE A 132 14.73 -8.29 -6.35
CA ILE A 132 15.73 -7.26 -6.58
C ILE A 132 15.16 -5.95 -6.20
N LEU A 133 13.89 -5.69 -6.51
CA LEU A 133 13.30 -4.42 -6.16
C LEU A 133 13.37 -4.08 -4.68
N LYS A 134 13.06 -5.09 -3.88
CA LYS A 134 13.17 -4.91 -2.43
C LYS A 134 14.62 -4.79 -2.06
N SER A 135 15.54 -5.58 -2.66
CA SER A 135 16.96 -5.41 -2.25
C SER A 135 17.46 -4.04 -2.55
N TRP A 136 16.98 -3.44 -3.65
CA TRP A 136 17.36 -2.07 -3.96
C TRP A 136 17.09 -1.12 -2.83
N THR A 137 16.02 -1.37 -2.07
CA THR A 137 15.59 -0.35 -1.05
C THR A 137 16.68 -0.28 0.03
N GLN A 138 17.27 -1.45 0.30
CA GLN A 138 18.33 -1.55 1.31
C GLN A 138 19.67 -0.96 0.78
N ILE A 139 19.94 -1.16 -0.51
CA ILE A 139 21.12 -0.60 -1.12
C ILE A 139 21.06 0.93 -1.07
N MET A 140 19.90 1.54 -1.38
CA MET A 140 19.69 2.96 -1.22
C MET A 140 19.95 3.40 0.23
N ALA A 141 19.31 2.71 1.18
CA ALA A 141 19.43 3.09 2.58
C ALA A 141 20.90 3.11 3.02
N TRP A 142 21.62 2.03 2.78
CA TRP A 142 22.99 1.91 3.22
C TRP A 142 23.91 2.92 2.53
N HIS A 143 23.70 3.16 1.25
CA HIS A 143 24.48 4.14 0.54
C HIS A 143 24.16 5.57 1.03
N TYR A 144 22.90 6.01 0.95
CA TYR A 144 22.61 7.39 1.12
C TYR A 144 22.59 7.75 2.56
N PHE A 145 22.23 6.80 3.43
CA PHE A 145 22.08 7.15 4.87
C PHE A 145 23.20 6.57 5.77
N ALA A 146 24.30 6.17 5.16
CA ALA A 146 25.41 5.50 5.88
C ALA A 146 25.84 6.27 7.13
N ASP A 147 25.89 7.58 7.05
CA ASP A 147 26.35 8.30 8.23
C ASP A 147 25.21 9.00 9.01
N ARG A 148 23.93 8.67 8.72
CA ARG A 148 22.88 9.49 9.30
C ARG A 148 22.55 8.95 10.68
N PRO A 149 22.23 9.83 11.63
CA PRO A 149 21.89 9.31 13.01
C PRO A 149 20.60 8.47 13.03
N PHE A 150 19.72 8.72 12.07
CA PHE A 150 18.49 8.00 11.93
C PHE A 150 18.55 6.63 11.21
N LEU A 151 19.73 6.20 10.78
CA LEU A 151 19.93 5.01 9.96
C LEU A 151 19.31 3.80 10.58
N LYS A 152 19.69 3.51 11.82
CA LYS A 152 19.13 2.36 12.55
C LYS A 152 17.58 2.35 12.74
N ASP A 153 17.06 3.47 13.19
CA ASP A 153 15.64 3.60 13.38
C ASP A 153 14.93 3.41 12.04
N LEU A 154 15.43 4.04 10.95
CA LEU A 154 14.84 3.86 9.61
C LEU A 154 14.83 2.37 9.18
N LEU A 155 16.00 1.72 9.26
CA LEU A 155 16.12 0.33 8.89
C LEU A 155 15.20 -0.56 9.72
N CYS A 156 15.12 -0.32 11.02
CA CYS A 156 14.33 -1.19 11.92
C CYS A 156 12.81 -1.04 11.64
N LEU A 157 12.41 0.19 11.42
CA LEU A 157 11.08 0.56 11.05
C LEU A 157 10.68 -0.05 9.69
N PHE A 158 11.57 0.14 8.72
CA PHE A 158 11.33 -0.40 7.38
C PHE A 158 11.12 -1.90 7.40
N GLN A 159 12.03 -2.56 8.07
N GLN A 159 12.01 -2.59 8.09
CA GLN A 159 12.01 -3.98 8.36
CA GLN A 159 11.89 -4.03 8.31
C GLN A 159 10.69 -4.52 9.01
C GLN A 159 10.56 -4.46 8.93
N LYS A 160 10.19 -3.82 10.03
CA LYS A 160 8.93 -4.17 10.68
C LYS A 160 7.73 -3.95 9.73
N VAL A 161 7.75 -2.86 8.95
CA VAL A 161 6.64 -2.59 8.03
C VAL A 161 6.59 -3.63 6.91
N ASP A 162 7.77 -3.98 6.40
CA ASP A 162 7.87 -4.99 5.39
C ASP A 162 7.29 -6.29 5.87
N TYR A 163 7.70 -6.74 7.06
CA TYR A 163 7.23 -7.96 7.63
C TYR A 163 5.67 -7.91 7.85
N ALA A 164 5.18 -6.80 8.37
CA ALA A 164 3.74 -6.63 8.58
C ALA A 164 2.99 -6.80 7.26
N THR A 165 3.57 -6.28 6.16
CA THR A 165 2.97 -6.30 4.87
C THR A 165 2.88 -7.73 4.33
N ALA A 166 3.96 -8.45 4.47
CA ALA A 166 3.99 -9.89 4.15
C ALA A 166 2.97 -10.68 4.96
N VAL A 167 2.89 -10.45 6.24
CA VAL A 167 1.85 -11.13 7.13
C VAL A 167 0.41 -10.80 6.65
N GLY A 168 0.24 -9.53 6.28
CA GLY A 168 -0.96 -8.99 5.70
C GLY A 168 -1.38 -9.67 4.42
N GLN A 169 -0.40 -9.92 3.56
CA GLN A 169 -0.64 -10.69 2.34
C GLN A 169 -1.12 -12.08 2.67
N MET A 170 -0.53 -12.70 3.69
CA MET A 170 -0.89 -14.04 4.16
C MET A 170 -2.33 -14.04 4.68
N TYR A 171 -2.66 -13.03 5.47
CA TYR A 171 -4.05 -12.86 5.93
C TYR A 171 -5.03 -12.67 4.76
N ASP A 172 -4.61 -11.90 3.78
CA ASP A 172 -5.43 -11.69 2.63
C ASP A 172 -5.63 -12.96 1.79
N VAL A 173 -4.54 -13.64 1.47
CA VAL A 173 -4.69 -14.78 0.51
C VAL A 173 -5.43 -15.94 1.18
N THR A 174 -5.39 -16.01 2.51
CA THR A 174 -6.11 -17.06 3.23
C THR A 174 -7.50 -16.60 3.75
N SER A 175 -8.07 -15.50 3.28
CA SER A 175 -9.20 -14.86 4.00
C SER A 175 -10.54 -15.64 3.73
N MET A 176 -10.54 -16.44 2.65
CA MET A 176 -11.66 -17.26 2.24
C MET A 176 -11.60 -18.75 2.62
N CYS A 177 -10.65 -19.09 3.47
CA CYS A 177 -10.45 -20.39 4.04
C CYS A 177 -11.01 -20.38 5.46
N ASP A 178 -11.43 -21.54 5.95
CA ASP A 178 -11.71 -21.65 7.40
C ASP A 178 -10.42 -21.85 8.07
N SER A 179 -10.14 -20.99 9.04
CA SER A 179 -8.88 -21.05 9.77
C SER A 179 -8.54 -22.43 10.28
N ASN A 180 -9.55 -23.08 10.86
CA ASN A 180 -9.37 -24.41 11.41
C ASN A 180 -9.11 -25.47 10.34
N LYS A 181 -9.37 -25.17 9.06
CA LYS A 181 -9.01 -26.07 7.96
C LYS A 181 -7.58 -25.85 7.34
N LEU A 182 -6.85 -24.78 7.69
CA LEU A 182 -5.53 -24.47 7.08
C LEU A 182 -4.61 -25.59 7.43
N ASP A 183 -3.90 -26.08 6.43
CA ASP A 183 -3.12 -27.27 6.51
C ASP A 183 -2.34 -27.37 5.21
N PRO A 184 -1.02 -27.27 5.28
CA PRO A 184 -0.23 -27.45 4.05
C PRO A 184 -0.46 -28.78 3.37
N GLU A 185 -0.86 -29.81 4.11
CA GLU A 185 -1.05 -31.11 3.47
C GLU A 185 -2.32 -31.28 2.69
N VAL A 186 -3.30 -30.38 2.87
CA VAL A 186 -4.65 -30.54 2.30
C VAL A 186 -5.06 -29.31 1.50
N ALA A 187 -5.53 -29.51 0.26
CA ALA A 187 -5.99 -28.41 -0.54
C ALA A 187 -7.15 -27.75 0.14
N GLN A 188 -7.13 -26.44 0.03
CA GLN A 188 -7.97 -25.60 0.89
C GLN A 188 -9.28 -25.31 0.22
N PRO A 189 -10.40 -25.73 0.85
CA PRO A 189 -11.67 -25.37 0.29
C PRO A 189 -12.09 -23.97 0.73
N MET A 190 -12.91 -23.33 -0.07
CA MET A 190 -13.47 -22.08 0.26
C MET A 190 -14.43 -22.29 1.43
N THR A 191 -14.55 -21.27 2.27
CA THR A 191 -15.52 -21.30 3.33
C THR A 191 -16.90 -21.51 2.77
N THR A 192 -17.69 -22.33 3.50
CA THR A 192 -19.16 -22.45 3.26
C THR A 192 -19.98 -21.53 4.22
N ASP A 193 -19.57 -21.37 5.51
CA ASP A 193 -20.37 -20.53 6.47
C ASP A 193 -20.11 -19.00 6.44
N PHE A 194 -18.98 -18.59 5.89
CA PHE A 194 -18.53 -17.21 5.93
C PHE A 194 -18.43 -16.66 7.33
N ALA A 195 -18.19 -17.53 8.31
CA ALA A 195 -18.13 -17.11 9.73
C ALA A 195 -17.01 -16.15 10.04
N GLU A 196 -15.95 -16.20 9.23
CA GLU A 196 -14.79 -15.34 9.34
C GLU A 196 -14.87 -14.10 8.48
N PHE A 197 -16.04 -13.82 7.89
CA PHE A 197 -16.22 -12.53 7.19
C PHE A 197 -16.79 -11.53 8.19
N THR A 198 -15.99 -11.14 9.18
CA THR A 198 -16.41 -10.16 10.16
C THR A 198 -15.70 -8.82 10.00
N PRO A 199 -16.23 -7.77 10.63
CA PRO A 199 -15.55 -6.47 10.64
C PRO A 199 -14.14 -6.56 11.27
N ALA A 200 -13.95 -7.33 12.33
CA ALA A 200 -12.68 -7.39 13.02
C ALA A 200 -11.62 -8.09 12.17
N ILE A 201 -12.08 -9.11 11.45
CA ILE A 201 -11.21 -9.92 10.68
C ILE A 201 -10.80 -9.17 9.46
N TYR A 202 -11.76 -8.53 8.81
CA TYR A 202 -11.48 -7.60 7.69
C TYR A 202 -10.47 -6.58 8.13
N LYS A 203 -10.75 -5.94 9.25
CA LYS A 203 -9.82 -4.96 9.81
C LYS A 203 -8.41 -5.50 9.94
N ARG A 204 -8.25 -6.74 10.44
CA ARG A 204 -6.90 -7.32 10.56
C ARG A 204 -6.23 -7.48 9.19
N ILE A 205 -6.94 -7.98 8.20
CA ILE A 205 -6.35 -8.06 6.87
C ILE A 205 -5.83 -6.67 6.46
N VAL A 206 -6.67 -5.64 6.51
CA VAL A 206 -6.38 -4.38 5.84
C VAL A 206 -5.24 -3.67 6.57
N LYS A 207 -5.22 -3.82 7.88
CA LYS A 207 -4.29 -3.14 8.72
C LYS A 207 -2.86 -3.60 8.34
N TYR A 208 -2.71 -4.90 8.22
CA TYR A 208 -1.40 -5.48 7.91
C TYR A 208 -1.02 -5.35 6.45
N LYS A 209 -1.96 -5.61 5.54
CA LYS A 209 -1.66 -5.67 4.11
C LYS A 209 -1.34 -4.29 3.54
N THR A 210 -2.05 -3.25 4.01
CA THR A 210 -2.05 -1.92 3.40
C THR A 210 -1.59 -0.75 4.26
N THR A 211 -2.09 -0.63 5.50
CA THR A 211 -1.95 0.62 6.24
C THR A 211 -0.50 0.85 6.70
N PHE A 212 0.15 -0.21 7.16
CA PHE A 212 1.55 -0.09 7.55
C PHE A 212 2.43 0.58 6.48
N TYR A 213 2.43 0.06 5.25
CA TYR A 213 3.30 0.56 4.17
C TYR A 213 2.77 1.80 3.48
N THR A 214 1.45 1.95 3.43
CA THR A 214 0.83 3.09 2.68
C THR A 214 0.77 4.37 3.49
N TYR A 215 0.44 4.24 4.77
CA TYR A 215 0.27 5.38 5.71
C TYR A 215 1.25 5.49 6.87
N LEU A 216 1.52 4.42 7.65
CA LEU A 216 2.40 4.54 8.77
C LEU A 216 3.86 4.91 8.38
N LEU A 217 4.35 4.17 7.38
CA LEU A 217 5.73 4.22 7.00
C LEU A 217 6.11 5.56 6.35
N PRO A 218 5.30 6.10 5.43
CA PRO A 218 5.61 7.43 4.88
C PRO A 218 5.60 8.53 5.96
N LEU A 219 4.64 8.50 6.88
CA LEU A 219 4.57 9.52 7.97
C LEU A 219 5.78 9.45 8.92
N VAL A 220 6.13 8.26 9.38
CA VAL A 220 7.19 8.05 10.30
C VAL A 220 8.55 8.22 9.65
N MET A 221 8.67 7.82 8.37
CA MET A 221 9.88 8.08 7.62
C MET A 221 10.13 9.61 7.55
N GLY A 222 9.09 10.36 7.26
CA GLY A 222 9.20 11.81 7.27
C GLY A 222 9.69 12.37 8.61
N LEU A 223 9.15 11.84 9.70
CA LEU A 223 9.62 12.25 11.00
C LEU A 223 11.09 11.88 11.22
N LEU A 224 11.47 10.66 10.82
CA LEU A 224 12.84 10.13 11.03
C LEU A 224 13.85 10.96 10.27
N VAL A 225 13.54 11.29 9.00
CA VAL A 225 14.54 12.07 8.21
C VAL A 225 14.63 13.52 8.68
N SER A 226 13.56 14.00 9.31
CA SER A 226 13.48 15.34 9.90
C SER A 226 14.05 15.44 11.35
N GLU A 227 14.52 14.34 11.88
CA GLU A 227 14.89 14.18 13.26
C GLU A 227 13.86 14.73 14.25
N ALA A 228 12.63 14.33 14.05
CA ALA A 228 11.50 15.01 14.64
C ALA A 228 10.50 14.05 15.27
N ALA A 229 10.96 12.87 15.62
CA ALA A 229 10.05 11.88 16.19
C ALA A 229 9.49 12.33 17.55
N ALA A 230 10.19 13.27 18.20
CA ALA A 230 9.71 13.90 19.45
C ALA A 230 8.58 14.96 19.32
N SER A 231 8.29 15.45 18.12
CA SER A 231 7.09 16.28 17.89
C SER A 231 5.80 15.49 17.82
N VAL A 232 5.86 14.18 18.07
CA VAL A 232 4.69 13.36 18.01
C VAL A 232 4.64 12.38 19.12
N GLU A 233 3.41 12.04 19.49
CA GLU A 233 3.08 10.83 20.23
C GLU A 233 2.89 9.67 19.27
N MET A 234 3.85 8.76 19.25
CA MET A 234 3.82 7.69 18.27
C MET A 234 2.52 6.85 18.32
N ASN A 235 1.90 6.68 19.51
CA ASN A 235 0.64 5.91 19.55
C ASN A 235 -0.51 6.58 18.74
N LEU A 236 -0.50 7.90 18.75
CA LEU A 236 -1.42 8.63 17.94
C LEU A 236 -1.14 8.50 16.44
N VAL A 237 0.14 8.49 16.06
CA VAL A 237 0.46 8.42 14.62
C VAL A 237 -0.01 7.00 14.14
N GLU A 238 0.22 6.01 14.96
CA GLU A 238 -0.29 4.68 14.68
C GLU A 238 -1.82 4.63 14.51
N ARG A 239 -2.54 5.11 15.52
CA ARG A 239 -3.99 5.04 15.48
C ARG A 239 -4.54 5.79 14.28
N VAL A 240 -4.02 6.99 13.99
CA VAL A 240 -4.51 7.74 12.83
C VAL A 240 -4.21 7.11 11.46
N ALA A 241 -3.02 6.54 11.34
CA ALA A 241 -2.67 5.86 10.11
C ALA A 241 -3.54 4.61 9.88
N HIS A 242 -3.81 3.84 10.94
CA HIS A 242 -4.71 2.64 10.82
C HIS A 242 -6.08 3.01 10.36
N LEU A 243 -6.53 4.13 10.86
CA LEU A 243 -7.83 4.56 10.53
C LEU A 243 -7.91 5.08 9.09
N ILE A 244 -6.95 5.93 8.71
CA ILE A 244 -6.97 6.44 7.35
C ILE A 244 -6.76 5.28 6.37
N GLY A 245 -5.81 4.40 6.68
CA GLY A 245 -5.54 3.18 5.93
C GLY A 245 -6.76 2.30 5.71
N GLU A 246 -7.55 2.05 6.74
CA GLU A 246 -8.76 1.22 6.57
C GLU A 246 -9.74 1.85 5.59
N TYR A 247 -9.95 3.13 5.78
CA TYR A 247 -10.82 3.90 4.97
C TYR A 247 -10.45 3.77 3.49
N PHE A 248 -9.17 4.01 3.17
CA PHE A 248 -8.65 3.84 1.82
C PHE A 248 -8.95 2.44 1.20
N GLN A 249 -8.80 1.39 1.98
CA GLN A 249 -9.09 0.03 1.45
C GLN A 249 -10.56 -0.21 1.19
N VAL A 250 -11.42 0.30 2.08
CA VAL A 250 -12.84 0.28 1.84
C VAL A 250 -13.22 0.88 0.49
N GLN A 251 -12.84 2.13 0.24
CA GLN A 251 -12.87 2.68 -1.15
C GLN A 251 -12.38 1.72 -2.27
N ASP A 252 -11.17 1.21 -2.19
CA ASP A 252 -10.72 0.25 -3.23
C ASP A 252 -11.58 -1.03 -3.40
N ASP A 253 -12.15 -1.44 -2.27
CA ASP A 253 -13.06 -2.58 -2.21
C ASP A 253 -14.36 -2.29 -2.91
N VAL A 254 -14.83 -1.07 -2.77
CA VAL A 254 -16.07 -0.65 -3.40
C VAL A 254 -15.87 -0.50 -4.93
N MET A 255 -14.81 0.23 -5.31
CA MET A 255 -14.41 0.41 -6.73
C MET A 255 -14.08 -0.90 -7.52
N ASP A 256 -13.53 -1.93 -6.84
CA ASP A 256 -13.24 -3.26 -7.45
C ASP A 256 -14.51 -3.83 -8.09
N CYS A 257 -15.60 -3.74 -7.31
CA CYS A 257 -16.94 -4.10 -7.73
C CYS A 257 -17.61 -3.14 -8.72
N PHE A 258 -17.68 -1.85 -8.38
CA PHE A 258 -18.58 -0.86 -9.07
C PHE A 258 -17.98 0.20 -10.07
N THR A 259 -16.66 0.35 -10.13
CA THR A 259 -16.00 1.28 -11.07
C THR A 259 -15.68 0.54 -12.36
N PRO A 260 -16.20 1.02 -13.53
CA PRO A 260 -15.92 0.38 -14.83
C PRO A 260 -14.44 -0.09 -14.99
N PRO A 261 -14.21 -1.25 -15.68
CA PRO A 261 -12.82 -1.69 -15.86
C PRO A 261 -11.84 -0.63 -16.49
N GLU A 262 -12.30 0.16 -17.47
CA GLU A 262 -11.47 1.22 -18.13
C GLU A 262 -10.98 2.32 -17.14
N GLN A 263 -11.85 2.69 -16.20
CA GLN A 263 -11.58 3.73 -15.20
C GLN A 263 -10.79 3.18 -14.02
N LEU A 264 -11.10 1.93 -13.69
CA LEU A 264 -10.36 1.16 -12.69
C LEU A 264 -8.94 0.72 -13.17
N GLY A 265 -8.75 0.52 -14.48
CA GLY A 265 -7.46 0.01 -15.04
C GLY A 265 -7.18 -1.51 -14.94
N LYS A 266 -8.16 -2.25 -14.45
CA LYS A 266 -8.14 -3.72 -14.41
C LYS A 266 -9.60 -4.22 -14.34
N VAL A 267 -9.78 -5.50 -14.66
CA VAL A 267 -11.06 -6.18 -14.44
C VAL A 267 -10.99 -6.63 -12.96
N GLY A 268 -11.81 -6.00 -12.10
CA GLY A 268 -11.99 -6.39 -10.68
C GLY A 268 -12.44 -7.84 -10.60
N THR A 269 -11.81 -8.65 -9.73
CA THR A 269 -12.20 -10.04 -9.49
C THR A 269 -12.40 -10.42 -7.99
N ASP A 270 -12.74 -9.46 -7.10
CA ASP A 270 -12.84 -9.76 -5.63
C ASP A 270 -13.98 -10.78 -5.29
N ILE A 271 -15.04 -10.68 -6.10
CA ILE A 271 -16.22 -11.55 -6.04
C ILE A 271 -15.79 -12.98 -6.39
N GLU A 272 -15.25 -13.17 -7.61
CA GLU A 272 -14.80 -14.50 -8.07
C GLU A 272 -13.60 -14.98 -7.24
N ASP A 273 -12.80 -14.07 -6.72
CA ASP A 273 -11.71 -14.55 -5.84
C ASP A 273 -12.18 -14.83 -4.44
N ALA A 274 -13.46 -14.53 -4.15
CA ALA A 274 -14.07 -14.71 -2.84
C ALA A 274 -13.32 -13.87 -1.76
N LYS A 275 -12.95 -12.63 -2.08
CA LYS A 275 -12.15 -11.85 -1.12
C LYS A 275 -13.05 -11.40 0.01
N CYS A 276 -12.46 -11.29 1.20
CA CYS A 276 -13.10 -10.68 2.37
C CYS A 276 -12.99 -9.17 2.17
N SER A 277 -13.89 -8.65 1.34
CA SER A 277 -14.02 -7.23 1.03
C SER A 277 -15.05 -6.52 1.96
N TRP A 278 -14.97 -5.20 2.03
CA TRP A 278 -15.88 -4.39 2.83
C TRP A 278 -17.35 -4.71 2.45
N LEU A 279 -17.58 -4.87 1.15
CA LEU A 279 -18.91 -5.15 0.63
C LEU A 279 -19.48 -6.50 1.11
N ALA A 280 -18.69 -7.56 1.00
CA ALA A 280 -19.14 -8.86 1.44
C ALA A 280 -19.38 -8.86 2.98
N VAL A 281 -18.45 -8.29 3.75
CA VAL A 281 -18.60 -8.28 5.20
C VAL A 281 -19.85 -7.45 5.59
N THR A 282 -20.03 -6.32 4.93
CA THR A 282 -21.02 -5.33 5.34
C THR A 282 -22.40 -5.90 4.93
N PHE A 283 -22.44 -6.46 3.72
CA PHE A 283 -23.60 -7.19 3.25
C PHE A 283 -24.04 -8.26 4.25
N LEU A 284 -23.11 -9.12 4.67
CA LEU A 284 -23.42 -10.20 5.58
C LEU A 284 -23.86 -9.72 6.94
N GLY A 285 -23.34 -8.57 7.38
CA GLY A 285 -23.78 -7.89 8.60
C GLY A 285 -25.20 -7.32 8.65
N LYS A 286 -25.92 -7.33 7.54
CA LYS A 286 -27.24 -6.75 7.51
C LYS A 286 -28.27 -7.63 6.79
N ALA A 287 -27.82 -8.71 6.14
CA ALA A 287 -28.70 -9.50 5.31
C ALA A 287 -29.56 -10.44 6.15
N ASN A 288 -30.73 -10.77 5.57
CA ASN A 288 -31.62 -11.79 6.10
C ASN A 288 -31.16 -13.18 5.68
N ALA A 289 -31.84 -14.19 6.24
CA ALA A 289 -31.47 -15.58 5.99
C ALA A 289 -31.53 -15.93 4.50
N ALA A 290 -32.54 -15.46 3.77
CA ALA A 290 -32.67 -15.71 2.31
C ALA A 290 -31.53 -15.11 1.50
N GLN A 291 -31.20 -13.88 1.82
CA GLN A 291 -30.06 -13.17 1.20
C GLN A 291 -28.64 -13.78 1.47
N VAL A 292 -28.42 -14.23 2.71
CA VAL A 292 -27.23 -14.96 3.07
C VAL A 292 -27.14 -16.26 2.24
N ALA A 293 -28.26 -17.01 2.11
CA ALA A 293 -28.31 -18.21 1.22
C ALA A 293 -27.91 -17.96 -0.22
N GLU A 294 -28.44 -16.88 -0.76
CA GLU A 294 -28.19 -16.51 -2.12
C GLU A 294 -26.73 -16.05 -2.27
N PHE A 295 -26.23 -15.30 -1.29
CA PHE A 295 -24.82 -14.89 -1.32
C PHE A 295 -23.93 -16.17 -1.34
N LYS A 296 -24.26 -17.13 -0.50
CA LYS A 296 -23.44 -18.33 -0.37
C LYS A 296 -23.45 -19.22 -1.60
N ALA A 297 -24.51 -19.12 -2.41
CA ALA A 297 -24.66 -19.95 -3.62
C ALA A 297 -23.94 -19.39 -4.84
N ASN A 298 -23.56 -18.13 -4.76
CA ASN A 298 -23.01 -17.40 -5.88
C ASN A 298 -21.61 -16.83 -5.66
N TYR A 299 -21.10 -16.83 -4.43
CA TYR A 299 -19.84 -16.14 -4.15
C TYR A 299 -18.64 -17.05 -4.47
N GLY A 300 -17.60 -16.42 -5.04
CA GLY A 300 -16.31 -17.06 -5.25
C GLY A 300 -16.32 -18.02 -6.43
N GLU A 301 -17.10 -17.67 -7.48
CA GLU A 301 -17.44 -18.51 -8.64
C GLU A 301 -17.21 -17.66 -9.88
N LYS A 302 -16.48 -18.21 -10.85
CA LYS A 302 -16.08 -17.49 -12.06
C LYS A 302 -17.28 -17.18 -12.98
N ASP A 303 -18.32 -18.01 -12.92
CA ASP A 303 -19.53 -17.86 -13.75
C ASP A 303 -20.12 -16.41 -13.65
N PRO A 304 -20.04 -15.62 -14.74
CA PRO A 304 -20.46 -14.21 -14.72
C PRO A 304 -21.88 -13.98 -14.24
N ALA A 305 -22.79 -14.90 -14.54
CA ALA A 305 -24.16 -14.86 -14.01
C ALA A 305 -24.15 -14.84 -12.46
N LYS A 306 -23.35 -15.72 -11.84
CA LYS A 306 -23.26 -15.82 -10.36
C LYS A 306 -22.56 -14.61 -9.74
N VAL A 307 -21.58 -14.06 -10.47
CA VAL A 307 -20.94 -12.79 -10.08
C VAL A 307 -21.92 -11.63 -10.23
N ALA A 308 -22.80 -11.68 -11.23
CA ALA A 308 -23.81 -10.62 -11.44
C ALA A 308 -24.89 -10.77 -10.37
N VAL A 309 -25.11 -12.00 -9.90
CA VAL A 309 -26.01 -12.26 -8.75
C VAL A 309 -25.50 -11.59 -7.47
N VAL A 310 -24.20 -11.72 -7.19
CA VAL A 310 -23.59 -11.09 -6.01
C VAL A 310 -23.72 -9.56 -6.17
N LYS A 311 -23.39 -9.07 -7.36
CA LYS A 311 -23.51 -7.63 -7.63
C LYS A 311 -24.93 -7.09 -7.38
N ARG A 312 -25.95 -7.85 -7.76
CA ARG A 312 -27.34 -7.50 -7.49
C ARG A 312 -27.67 -7.45 -6.01
N LEU A 313 -27.25 -8.46 -5.27
CA LEU A 313 -27.49 -8.44 -3.81
C LEU A 313 -26.93 -7.16 -3.18
N TYR A 314 -25.64 -6.88 -3.42
CA TYR A 314 -24.95 -5.67 -2.87
C TYR A 314 -25.72 -4.37 -3.21
N SER A 315 -26.01 -4.19 -4.50
CA SER A 315 -26.72 -3.01 -5.03
C SER A 315 -28.10 -2.85 -4.40
N LYS A 316 -28.75 -3.96 -4.07
CA LYS A 316 -30.07 -3.99 -3.42
C LYS A 316 -30.07 -3.86 -1.93
N ALA A 317 -28.91 -4.06 -1.33
CA ALA A 317 -28.76 -4.08 0.13
C ALA A 317 -28.52 -2.70 0.74
N ASN A 318 -28.54 -1.65 -0.09
CA ASN A 318 -28.35 -0.25 0.36
C ASN A 318 -27.01 -0.07 1.10
N LEU A 319 -25.95 -0.50 0.44
CA LEU A 319 -24.68 -0.53 1.09
C LEU A 319 -24.14 0.88 1.15
N GLN A 320 -24.63 1.78 0.28
CA GLN A 320 -24.22 3.22 0.32
C GLN A 320 -24.56 3.87 1.66
N ALA A 321 -25.63 3.37 2.26
CA ALA A 321 -26.05 3.86 3.57
C ALA A 321 -25.04 3.45 4.62
N ASP A 322 -24.59 2.19 4.56
CA ASP A 322 -23.54 1.74 5.42
C ASP A 322 -22.22 2.48 5.15
N PHE A 323 -21.92 2.77 3.88
CA PHE A 323 -20.65 3.40 3.55
C PHE A 323 -20.64 4.82 4.13
N ALA A 324 -21.65 5.62 3.76
CA ALA A 324 -21.86 6.93 4.33
C ALA A 324 -21.69 6.96 5.84
N ALA A 325 -22.28 6.00 6.57
CA ALA A 325 -22.17 5.98 8.05
C ALA A 325 -20.77 5.65 8.57
N TYR A 326 -20.10 4.74 7.87
CA TYR A 326 -18.73 4.42 8.17
C TYR A 326 -17.93 5.69 7.87
N GLU A 327 -18.24 6.35 6.74
CA GLU A 327 -17.50 7.50 6.33
C GLU A 327 -17.62 8.63 7.34
N ALA A 328 -18.84 8.90 7.83
CA ALA A 328 -19.02 9.90 8.89
C ALA A 328 -18.25 9.56 10.15
N GLU A 329 -18.24 8.31 10.57
CA GLU A 329 -17.54 7.95 11.82
C GLU A 329 -16.00 8.11 11.67
N VAL A 330 -15.46 7.71 10.52
CA VAL A 330 -14.02 7.88 10.28
C VAL A 330 -13.67 9.38 10.20
N VAL A 331 -14.46 10.19 9.49
CA VAL A 331 -14.20 11.65 9.43
C VAL A 331 -14.16 12.18 10.85
N ARG A 332 -15.08 11.68 11.64
CA ARG A 332 -15.16 12.07 13.04
C ARG A 332 -13.91 11.69 13.86
N GLU A 333 -13.54 10.42 13.82
CA GLU A 333 -12.39 9.95 14.55
C GLU A 333 -11.04 10.50 14.09
N VAL A 334 -10.94 10.77 12.78
CA VAL A 334 -9.71 11.27 12.18
C VAL A 334 -9.50 12.71 12.64
N GLU A 335 -10.57 13.52 12.57
CA GLU A 335 -10.53 14.90 13.12
C GLU A 335 -10.13 14.98 14.59
N SER A 336 -10.65 14.06 15.41
CA SER A 336 -10.28 13.93 16.82
C SER A 336 -8.80 13.58 16.98
N LEU A 337 -8.32 12.68 16.14
CA LEU A 337 -6.89 12.36 16.15
C LEU A 337 -6.03 13.56 15.68
N ILE A 338 -6.45 14.27 14.65
CA ILE A 338 -5.67 15.40 14.17
C ILE A 338 -5.50 16.39 15.33
N GLU A 339 -6.61 16.65 16.04
CA GLU A 339 -6.58 17.41 17.30
C GLU A 339 -5.58 17.00 18.32
N GLN A 340 -5.66 15.74 18.70
CA GLN A 340 -4.80 15.19 19.68
C GLN A 340 -3.30 15.33 19.19
N LEU A 341 -3.04 15.34 17.86
CA LEU A 341 -1.69 15.56 17.29
C LEU A 341 -1.34 17.05 17.23
N LYS A 342 -2.35 17.90 16.92
CA LYS A 342 -2.17 19.39 16.87
C LYS A 342 -1.49 19.95 18.14
N VAL A 343 -1.64 19.25 19.26
CA VAL A 343 -1.06 19.65 20.53
C VAL A 343 0.43 19.85 20.31
N LYS A 344 1.13 18.74 20.05
CA LYS A 344 2.60 18.72 19.87
C LYS A 344 3.10 19.30 18.56
N SER A 345 2.35 19.20 17.47
CA SER A 345 2.86 19.71 16.19
C SER A 345 1.76 20.02 15.19
N PRO A 346 1.41 21.30 15.11
CA PRO A 346 0.53 21.81 14.06
C PRO A 346 1.00 21.40 12.69
N THR A 347 2.32 21.49 12.54
CA THR A 347 2.98 21.02 11.37
C THR A 347 2.65 19.56 11.01
N PHE A 348 2.86 18.63 11.95
CA PHE A 348 2.62 17.23 11.65
C PHE A 348 1.12 17.02 11.52
N ALA A 349 0.33 17.66 12.36
CA ALA A 349 -1.12 17.50 12.30
C ALA A 349 -1.58 17.96 10.93
N GLU A 350 -1.04 19.08 10.45
CA GLU A 350 -1.36 19.55 9.08
C GLU A 350 -0.98 18.55 7.95
N SER A 351 0.18 17.91 8.06
CA SER A 351 0.58 16.91 7.05
C SER A 351 -0.43 15.75 7.03
N VAL A 352 -0.79 15.28 8.24
CA VAL A 352 -1.78 14.20 8.46
C VAL A 352 -3.10 14.68 7.95
N ALA A 353 -3.39 15.97 8.13
CA ALA A 353 -4.60 16.56 7.53
C ALA A 353 -4.64 16.49 6.03
N VAL A 354 -3.49 16.71 5.36
CA VAL A 354 -3.38 16.65 3.93
C VAL A 354 -3.45 15.22 3.41
N VAL A 355 -2.77 14.32 4.11
CA VAL A 355 -2.88 12.90 3.82
C VAL A 355 -4.38 12.52 3.83
N TRP A 356 -5.07 12.97 4.87
CA TRP A 356 -6.46 12.56 5.03
C TRP A 356 -7.28 13.10 3.88
N GLU A 357 -7.06 14.36 3.52
CA GLU A 357 -7.78 15.00 2.44
C GLU A 357 -7.59 14.32 1.10
N LYS A 358 -6.34 14.03 0.73
CA LYS A 358 -6.04 13.28 -0.50
C LYS A 358 -6.67 11.89 -0.56
N THR A 359 -6.79 11.23 0.58
CA THR A 359 -7.48 9.96 0.68
C THR A 359 -8.99 10.04 0.55
N HIS A 360 -9.57 10.92 1.37
CA HIS A 360 -11.03 11.21 1.42
C HIS A 360 -11.56 11.73 0.11
N LYS A 361 -10.87 12.69 -0.50
CA LYS A 361 -11.25 13.31 -1.81
C LYS A 361 -10.99 12.53 -3.12
N ARG A 362 -10.33 11.36 -3.09
CA ARG A 362 -10.02 10.63 -4.35
C ARG A 362 -11.24 9.96 -5.00
S SO4 B . -0.43 5.92 -6.12
O1 SO4 B . 0.54 6.93 -5.62
O2 SO4 B . 0.32 4.68 -6.45
O3 SO4 B . -1.42 5.65 -5.08
O4 SO4 B . -1.14 6.40 -7.33
S SO4 C . 28.55 2.84 -0.70
O1 SO4 C . 29.91 3.04 -0.14
O2 SO4 C . 28.60 3.18 -2.15
O3 SO4 C . 28.13 1.45 -0.51
O4 SO4 C . 27.60 3.75 -0.04
C ACT D . -9.90 9.24 20.07
O ACT D . -8.89 9.71 19.50
OXT ACT D . -9.88 8.88 21.27
CH3 ACT D . -11.16 9.07 19.28
ZN ZN E . -3.21 -10.05 -3.83
ZN ZN F . -8.61 -4.29 -4.35
C4 LUS G . -4.43 -3.46 -2.19
C5 LUS G . -3.02 -2.94 -2.06
C6 LUS G . -2.74 -1.91 -3.20
C7 LUS G . -3.66 -0.71 -2.92
C8 LUS G . -1.42 -4.48 -3.40
C10 LUS G . 0.43 -4.60 -1.41
N LUS G . -2.00 -4.17 -2.03
C LUS G . -6.31 0.84 -3.95
O LUS G . 0.12 -5.80 -2.01
C1 LUS G . -6.06 -0.06 -2.75
C11 LUS G . -0.88 -3.88 -1.04
C2 LUS G . -5.11 -1.19 -3.05
C3 LUS G . -5.37 -2.29 -2.02
C9 LUS G . -0.56 -5.76 -3.25
#